data_3GEE
#
_entry.id   3GEE
#
_cell.length_a   130.804
_cell.length_b   130.804
_cell.length_c   200.611
_cell.angle_alpha   90.00
_cell.angle_beta   90.00
_cell.angle_gamma   90.00
#
_symmetry.space_group_name_H-M   'I 41 2 2'
#
loop_
_entity.id
_entity.type
_entity.pdbx_description
1 polymer 'tRNA modification GTPase mnmE'
2 non-polymer "GUANOSINE-5'-DIPHOSPHATE"
3 non-polymer 'N-{[4-({[(6R)-2-amino-5-formyl-4-oxo-1,4,5,6,7,8-hexahydropteridin-6-yl]methyl}amino)phenyl]carbonyl}-L-glutamic acid'
#
_entity_poly.entity_id   1
_entity_poly.type   'polypeptide(L)'
_entity_poly.pdbx_seq_one_letter_code
;GSHMSPSDLHLPVPGHPIAAIATPVGVGALAIVRISGAGVLDLADRVFRKVHGSGKLAEAAGYTAHFGRLYDGEEMVDEV
IALVFRAPRSFTAEQMVEFTCHGGPVVVGRVLRLMLDNGCRLAEPGEFTRRAFLNGRIDLLQAEAIGEMIHARTESAYRT
AVSQMKGDLSVRLGGLREQLIRSCALIELELDFSEEDVEFQSRDELTMQIETLRSEVNRLIDSYQHGRIVSEGVSTVIAG
KPNAGKSTLLNTLLGQERAIVSHMPGTTRDYIEECFIHDKTMFRLTDTAGLREAGEEIEHEGIRRSRMKMAEADLILYLL
DLGTERLDDELTEIRELKAAHPAAKFLTVANKLDRAANADALIRAIADGTGTEVIGISALNGDGIDTLKQHMGDLVKNLD
KLHEASVLVTSLRHYEALRNASDALQNALELIAHESETELIAFELRAALDYVGQITGKVVNEEVLNTIFDKFCIGK
;
_entity_poly.pdbx_strand_id   A
#
# COMPACT_ATOMS: atom_id res chain seq x y z
N PRO A 12 11.39 25.66 7.81
CA PRO A 12 10.22 24.81 8.05
C PRO A 12 8.92 25.40 7.51
N VAL A 13 9.00 26.14 6.40
CA VAL A 13 7.89 26.86 5.76
C VAL A 13 6.49 26.22 5.90
N PRO A 14 5.55 26.95 6.52
CA PRO A 14 4.17 26.45 6.61
C PRO A 14 3.42 26.60 5.28
N GLY A 15 2.45 25.72 5.04
CA GLY A 15 1.65 25.77 3.82
C GLY A 15 0.43 26.66 3.97
N HIS A 16 -0.36 26.79 2.91
CA HIS A 16 -1.64 27.49 2.98
C HIS A 16 -2.52 26.84 4.06
N PRO A 17 -3.21 27.66 4.88
CA PRO A 17 -4.15 27.05 5.81
C PRO A 17 -5.19 26.22 5.08
N ILE A 18 -5.36 24.98 5.50
CA ILE A 18 -6.31 24.07 4.87
C ILE A 18 -7.18 23.45 5.94
N ALA A 19 -8.44 23.18 5.58
CA ALA A 19 -9.41 22.57 6.50
C ALA A 19 -10.03 21.33 5.85
N ALA A 20 -10.51 20.41 6.69
CA ALA A 20 -11.13 19.17 6.24
C ALA A 20 -11.83 18.45 7.37
N ILE A 21 -12.95 17.81 7.04
CA ILE A 21 -13.61 16.85 7.93
C ILE A 21 -12.65 15.67 7.99
N ALA A 22 -12.30 15.21 9.19
CA ALA A 22 -11.25 14.21 9.33
C ALA A 22 -11.80 12.84 9.70
N THR A 23 -13.07 12.84 10.10
CA THR A 23 -13.78 11.63 10.51
C THR A 23 -14.69 11.11 9.39
N PRO A 24 -15.11 9.83 9.47
CA PRO A 24 -15.95 9.26 8.41
C PRO A 24 -17.27 9.98 8.27
N VAL A 25 -17.78 10.04 7.05
CA VAL A 25 -19.09 10.62 6.77
C VAL A 25 -20.17 9.90 7.56
N GLY A 26 -21.14 10.65 8.06
CA GLY A 26 -22.30 10.02 8.67
C GLY A 26 -22.73 10.57 10.01
N VAL A 27 -23.41 9.73 10.76
CA VAL A 27 -24.00 10.14 12.02
C VAL A 27 -23.26 9.50 13.15
N GLY A 28 -22.79 10.34 14.07
CA GLY A 28 -22.11 9.87 15.28
C GLY A 28 -22.19 10.87 16.41
N ALA A 29 -21.67 10.47 17.57
CA ALA A 29 -21.56 11.37 18.71
C ALA A 29 -20.64 12.55 18.39
N LEU A 30 -19.50 12.28 17.77
CA LEU A 30 -18.51 13.32 17.57
C LEU A 30 -17.91 13.28 16.19
N ALA A 31 -17.45 14.42 15.72
CA ALA A 31 -16.70 14.55 14.48
C ALA A 31 -15.49 15.47 14.72
N ILE A 32 -14.49 15.38 13.86
CA ILE A 32 -13.31 16.23 13.94
C ILE A 32 -13.10 17.01 12.64
N VAL A 33 -13.19 18.34 12.71
CA VAL A 33 -12.69 19.18 11.63
C VAL A 33 -11.26 19.56 11.99
N ARG A 34 -10.31 19.26 11.11
CA ARG A 34 -8.90 19.59 11.39
C ARG A 34 -8.29 20.58 10.39
N ILE A 35 -7.77 21.68 10.91
CA ILE A 35 -7.16 22.70 10.07
C ILE A 35 -5.66 22.83 10.37
N SER A 36 -4.88 23.16 9.33
CA SER A 36 -3.43 23.19 9.44
C SER A 36 -2.82 24.21 8.49
N GLY A 37 -1.65 24.72 8.84
CA GLY A 37 -0.95 25.69 7.99
C GLY A 37 -0.69 27.03 8.63
N ALA A 38 -0.19 27.96 7.81
CA ALA A 38 0.28 29.25 8.27
C ALA A 38 -0.79 30.08 8.98
N GLY A 39 -0.56 30.34 10.26
CA GLY A 39 -1.40 31.28 11.03
C GLY A 39 -2.75 30.71 11.40
N VAL A 40 -2.81 29.38 11.45
CA VAL A 40 -4.05 28.67 11.65
C VAL A 40 -4.76 29.00 12.97
N LEU A 41 -4.01 29.09 14.08
CA LEU A 41 -4.67 29.37 15.35
C LEU A 41 -5.04 30.85 15.56
N ASP A 42 -4.48 31.72 14.74
CA ASP A 42 -4.98 33.10 14.65
C ASP A 42 -6.32 33.12 13.94
N LEU A 43 -6.45 32.28 12.91
CA LEU A 43 -7.69 32.13 12.18
C LEU A 43 -8.74 31.53 13.10
N ALA A 44 -8.37 30.47 13.80
CA ALA A 44 -9.25 29.82 14.76
C ALA A 44 -9.83 30.82 15.73
N ASP A 45 -8.99 31.76 16.16
CA ASP A 45 -9.37 32.76 17.16
C ASP A 45 -10.48 33.71 16.71
N ARG A 46 -10.61 33.89 15.39
CA ARG A 46 -11.67 34.75 14.87
C ARG A 46 -13.05 34.15 15.13
N VAL A 47 -13.12 32.82 15.21
CA VAL A 47 -14.38 32.12 15.35
C VAL A 47 -14.56 31.36 16.67
N PHE A 48 -13.45 30.93 17.28
CA PHE A 48 -13.51 30.23 18.57
C PHE A 48 -13.61 31.23 19.73
N ARG A 49 -14.45 30.91 20.72
CA ARG A 49 -14.60 31.73 21.92
C ARG A 49 -14.60 30.84 23.14
N LYS A 50 -13.55 30.95 23.96
CA LYS A 50 -13.41 30.13 25.17
C LYS A 50 -14.56 30.42 26.13
N VAL A 51 -15.18 29.37 26.66
CA VAL A 51 -16.41 29.52 27.44
C VAL A 51 -16.18 30.14 28.83
N HIS A 52 -15.17 29.64 29.54
CA HIS A 52 -14.77 30.25 30.81
C HIS A 52 -13.41 30.92 30.64
N GLY A 53 -13.38 32.22 30.91
CA GLY A 53 -12.18 33.03 30.66
C GLY A 53 -11.95 33.21 29.17
N SER A 54 -10.95 34.02 28.82
CA SER A 54 -10.69 34.34 27.42
C SER A 54 -9.27 34.00 26.94
N GLY A 55 -8.69 32.95 27.50
CA GLY A 55 -7.37 32.48 27.07
C GLY A 55 -7.38 32.15 25.58
N LYS A 56 -6.82 33.05 24.77
CA LYS A 56 -6.82 32.89 23.32
C LYS A 56 -6.03 31.67 22.86
N LEU A 57 -6.48 31.05 21.77
CA LEU A 57 -5.83 29.88 21.19
C LEU A 57 -4.40 30.17 20.74
N ALA A 58 -4.21 31.31 20.08
CA ALA A 58 -2.88 31.71 19.61
C ALA A 58 -1.89 31.91 20.76
N GLU A 59 -2.41 31.95 21.99
CA GLU A 59 -1.59 32.13 23.18
C GLU A 59 -1.37 30.81 23.94
N ALA A 60 -1.85 29.71 23.38
CA ALA A 60 -1.87 28.43 24.08
C ALA A 60 -0.69 27.55 23.76
N ALA A 61 -0.31 26.70 24.72
CA ALA A 61 0.76 25.73 24.52
C ALA A 61 0.31 24.60 23.62
N GLY A 62 1.26 23.93 22.98
CA GLY A 62 0.97 22.73 22.20
C GLY A 62 0.43 21.61 23.08
N TYR A 63 -0.39 20.76 22.48
CA TYR A 63 -1.01 19.61 23.14
C TYR A 63 -2.00 19.97 24.25
N THR A 64 -2.67 21.10 24.05
CA THR A 64 -3.55 21.67 25.06
C THR A 64 -4.96 21.85 24.47
N ALA A 65 -5.97 21.44 25.23
CA ALA A 65 -7.35 21.41 24.75
C ALA A 65 -8.19 22.53 25.35
N HIS A 66 -9.14 23.04 24.59
CA HIS A 66 -9.93 24.19 25.00
C HIS A 66 -11.41 24.06 24.67
N PHE A 67 -12.24 24.15 25.70
CA PHE A 67 -13.68 24.03 25.53
C PHE A 67 -14.31 25.38 25.29
N GLY A 68 -14.85 25.58 24.10
CA GLY A 68 -15.53 26.83 23.78
C GLY A 68 -16.63 26.67 22.74
N ARG A 69 -17.00 27.78 22.11
CA ARG A 69 -18.07 27.80 21.11
C ARG A 69 -17.57 28.37 19.79
N LEU A 70 -18.10 27.85 18.69
CA LEU A 70 -17.82 28.42 17.37
C LEU A 70 -18.95 29.37 17.01
N TYR A 71 -18.62 30.42 16.28
CA TYR A 71 -19.58 31.47 15.97
C TYR A 71 -19.43 31.99 14.57
N ASP A 72 -20.57 32.22 13.92
CA ASP A 72 -20.59 32.94 12.66
C ASP A 72 -21.15 34.33 12.94
N GLY A 73 -20.41 35.07 13.77
CA GLY A 73 -20.82 36.39 14.24
C GLY A 73 -22.15 36.35 14.94
N GLU A 74 -22.13 36.14 16.25
CA GLU A 74 -23.36 36.07 17.07
C GLU A 74 -24.27 34.89 16.74
N GLU A 75 -23.82 34.02 15.82
CA GLU A 75 -24.56 32.83 15.47
C GLU A 75 -23.79 31.60 15.96
N MET A 76 -24.25 31.02 17.05
CA MET A 76 -23.57 29.90 17.68
C MET A 76 -23.62 28.67 16.78
N VAL A 77 -22.48 28.30 16.22
CA VAL A 77 -22.40 27.17 15.31
C VAL A 77 -22.45 25.84 16.06
N ASP A 78 -21.61 25.71 17.09
CA ASP A 78 -21.60 24.53 17.94
C ASP A 78 -20.77 24.74 19.20
N GLU A 79 -20.90 23.82 20.15
CA GLU A 79 -20.05 23.74 21.31
C GLU A 79 -18.99 22.71 20.99
N VAL A 80 -17.74 23.13 20.94
CA VAL A 80 -16.64 22.22 20.54
C VAL A 80 -15.51 22.16 21.56
N ILE A 81 -14.49 21.36 21.26
CA ILE A 81 -13.23 21.36 22.01
C ILE A 81 -12.08 21.54 21.03
N ALA A 82 -11.32 22.61 21.22
CA ALA A 82 -10.21 22.90 20.32
C ALA A 82 -8.93 22.30 20.87
N LEU A 83 -8.17 21.64 20.01
CA LEU A 83 -6.89 21.07 20.39
C LEU A 83 -5.78 21.78 19.64
N VAL A 84 -4.98 22.54 20.39
CA VAL A 84 -3.87 23.28 19.81
C VAL A 84 -2.65 22.37 19.65
N PHE A 85 -2.02 22.44 18.48
CA PHE A 85 -0.72 21.82 18.23
C PHE A 85 0.18 22.91 17.68
N ARG A 86 1.45 22.88 18.05
CA ARG A 86 2.37 23.93 17.65
C ARG A 86 3.64 23.43 16.99
N ALA A 87 4.37 24.39 16.42
CA ALA A 87 5.78 24.23 16.06
C ALA A 87 5.95 23.02 15.15
N PRO A 88 6.92 22.10 15.45
CA PRO A 88 6.99 20.89 14.64
C PRO A 88 6.19 19.75 15.30
N ARG A 89 5.65 20.02 16.48
CA ARG A 89 5.11 18.98 17.33
C ARG A 89 3.61 18.76 17.07
N SER A 90 3.31 18.44 15.82
CA SER A 90 1.96 18.12 15.36
C SER A 90 2.07 17.03 14.28
N PHE A 91 0.93 16.54 13.80
CA PHE A 91 0.94 15.53 12.73
C PHE A 91 1.58 16.06 11.44
N THR A 92 1.15 17.25 11.00
CA THR A 92 1.69 17.86 9.77
C THR A 92 3.03 18.51 10.00
N ALA A 93 3.43 18.58 11.28
CA ALA A 93 4.64 19.29 11.72
C ALA A 93 4.55 20.80 11.51
N GLU A 94 3.33 21.30 11.35
CA GLU A 94 3.09 22.74 11.34
C GLU A 94 1.99 23.05 12.34
N GLN A 95 1.61 24.32 12.35
CA GLN A 95 0.60 24.82 13.26
C GLN A 95 -0.78 24.27 12.91
N MET A 96 -1.39 23.56 13.84
CA MET A 96 -2.75 23.11 13.62
C MET A 96 -3.62 23.13 14.86
N VAL A 97 -4.90 23.38 14.63
CA VAL A 97 -5.92 23.18 15.65
C VAL A 97 -6.93 22.17 15.11
N GLU A 98 -7.49 21.36 16.02
CA GLU A 98 -8.46 20.33 15.67
C GLU A 98 -9.73 20.50 16.49
N PHE A 99 -10.78 20.98 15.85
CA PHE A 99 -12.07 21.09 16.51
C PHE A 99 -12.75 19.73 16.46
N THR A 100 -13.11 19.19 17.62
CA THR A 100 -13.98 18.03 17.59
C THR A 100 -15.35 18.48 18.07
N CYS A 101 -16.34 18.35 17.20
CA CYS A 101 -17.69 18.88 17.44
C CYS A 101 -18.71 17.75 17.48
N HIS A 102 -19.99 18.11 17.68
CA HIS A 102 -21.08 17.12 17.63
C HIS A 102 -21.17 16.49 16.24
N GLY A 103 -21.33 15.18 16.21
CA GLY A 103 -21.16 14.40 14.99
C GLY A 103 -22.35 14.33 14.06
N GLY A 104 -23.08 15.42 13.92
CA GLY A 104 -24.18 15.50 12.97
C GLY A 104 -23.73 16.08 11.65
N PRO A 105 -24.15 15.46 10.52
CA PRO A 105 -23.76 15.88 9.18
C PRO A 105 -24.00 17.36 8.92
N VAL A 106 -25.13 17.89 9.37
CA VAL A 106 -25.44 19.31 9.19
C VAL A 106 -24.48 20.19 9.99
N VAL A 107 -24.27 19.82 11.26
CA VAL A 107 -23.35 20.52 12.15
C VAL A 107 -21.94 20.52 11.60
N VAL A 108 -21.38 19.33 11.41
CA VAL A 108 -20.00 19.20 10.97
C VAL A 108 -19.75 19.99 9.69
N GLY A 109 -20.69 19.94 8.77
CA GLY A 109 -20.61 20.70 7.51
C GLY A 109 -20.59 22.19 7.75
N ARG A 110 -21.37 22.63 8.73
CA ARG A 110 -21.38 24.04 9.13
C ARG A 110 -20.01 24.46 9.65
N VAL A 111 -19.40 23.60 10.46
CA VAL A 111 -18.08 23.86 11.02
C VAL A 111 -17.05 24.01 9.91
N LEU A 112 -17.03 23.04 8.98
CA LEU A 112 -16.10 23.08 7.87
C LEU A 112 -16.26 24.39 7.07
N ARG A 113 -17.50 24.79 6.84
CA ARG A 113 -17.78 26.01 6.10
C ARG A 113 -17.23 27.23 6.83
N LEU A 114 -17.38 27.23 8.16
CA LEU A 114 -16.93 28.34 8.99
C LEU A 114 -15.42 28.55 8.83
N MET A 115 -14.66 27.46 8.94
CA MET A 115 -13.24 27.45 8.63
C MET A 115 -12.96 27.98 7.24
N LEU A 116 -13.71 27.49 6.25
CA LEU A 116 -13.50 27.84 4.85
C LEU A 116 -13.79 29.31 4.57
N ASP A 117 -14.77 29.87 5.27
CA ASP A 117 -15.13 31.27 5.11
C ASP A 117 -14.16 32.20 5.82
N ASN A 118 -13.45 31.65 6.81
CA ASN A 118 -12.56 32.46 7.63
C ASN A 118 -11.08 32.12 7.43
N GLY A 119 -10.68 31.98 6.16
CA GLY A 119 -9.27 31.88 5.81
C GLY A 119 -8.82 30.60 5.15
N CYS A 120 -9.33 29.46 5.63
CA CYS A 120 -8.89 28.15 5.16
C CYS A 120 -9.35 27.82 3.74
N ARG A 121 -8.58 27.00 3.06
CA ARG A 121 -9.04 26.39 1.80
C ARG A 121 -9.33 24.91 2.07
N LEU A 122 -10.11 24.27 1.22
CA LEU A 122 -10.42 22.86 1.40
C LEU A 122 -9.17 22.06 1.06
N ALA A 123 -8.87 21.07 1.89
CA ALA A 123 -7.67 20.26 1.72
C ALA A 123 -7.77 19.35 0.49
N GLU A 124 -6.68 19.25 -0.26
CA GLU A 124 -6.57 18.27 -1.33
C GLU A 124 -6.49 16.89 -0.70
N PRO A 125 -6.68 15.81 -1.49
CA PRO A 125 -6.68 14.52 -0.82
C PRO A 125 -5.27 14.13 -0.37
N GLY A 126 -5.16 13.61 0.85
CA GLY A 126 -3.87 13.20 1.42
C GLY A 126 -2.88 14.32 1.73
N GLU A 127 -3.32 15.57 1.61
CA GLU A 127 -2.43 16.71 1.79
C GLU A 127 -1.80 16.77 3.19
N PHE A 128 -2.56 16.39 4.21
CA PHE A 128 -2.05 16.38 5.57
C PHE A 128 -0.84 15.46 5.70
N THR A 129 -0.98 14.22 5.23
CA THR A 129 0.13 13.28 5.29
C THR A 129 1.25 13.70 4.36
N ARG A 130 0.87 14.28 3.22
CA ARG A 130 1.83 14.83 2.27
C ARG A 130 2.73 15.86 2.97
N ARG A 131 2.11 16.72 3.78
CA ARG A 131 2.85 17.74 4.50
C ARG A 131 3.73 17.11 5.57
N ALA A 132 3.22 16.07 6.22
CA ALA A 132 3.97 15.35 7.24
C ALA A 132 5.25 14.76 6.64
N PHE A 133 5.14 14.26 5.40
CA PHE A 133 6.30 13.73 4.71
C PHE A 133 7.24 14.84 4.24
N LEU A 134 6.66 15.88 3.64
CA LEU A 134 7.44 17.00 3.10
C LEU A 134 8.21 17.74 4.19
N ASN A 135 7.60 17.87 5.37
CA ASN A 135 8.28 18.44 6.54
C ASN A 135 9.24 17.45 7.20
N GLY A 136 9.29 16.22 6.69
CA GLY A 136 10.27 15.24 7.14
C GLY A 136 9.97 14.55 8.45
N ARG A 137 8.78 14.80 9.02
CA ARG A 137 8.38 14.13 10.25
C ARG A 137 8.26 12.63 10.02
N ILE A 138 7.94 12.27 8.78
CA ILE A 138 7.61 10.90 8.41
C ILE A 138 8.09 10.65 6.98
N ASP A 139 8.44 9.40 6.65
CA ASP A 139 8.92 9.07 5.28
C ASP A 139 7.84 8.48 4.37
N LEU A 140 8.18 8.28 3.09
CA LEU A 140 7.23 7.76 2.11
C LEU A 140 6.61 6.43 2.49
N LEU A 141 7.42 5.53 3.02
CA LEU A 141 6.92 4.26 3.52
C LEU A 141 5.87 4.50 4.60
N GLN A 142 6.23 5.30 5.59
CA GLN A 142 5.35 5.61 6.72
C GLN A 142 4.10 6.35 6.25
N ALA A 143 4.27 7.27 5.30
CA ALA A 143 3.15 7.94 4.67
C ALA A 143 2.16 6.93 4.06
N GLU A 144 2.68 6.06 3.20
CA GLU A 144 1.87 5.03 2.55
C GLU A 144 1.24 4.11 3.58
N ALA A 145 1.97 3.86 4.67
CA ALA A 145 1.51 2.97 5.74
C ALA A 145 0.26 3.49 6.42
N ILE A 146 0.17 4.81 6.57
CA ILE A 146 -1.01 5.42 7.18
C ILE A 146 -2.24 5.09 6.35
N GLY A 147 -2.13 5.31 5.03
CA GLY A 147 -3.20 4.97 4.10
C GLY A 147 -3.55 3.50 4.19
N GLU A 148 -2.53 2.66 4.04
CA GLU A 148 -2.69 1.21 4.08
C GLU A 148 -3.46 0.72 5.31
N MET A 149 -3.31 1.43 6.43
CA MET A 149 -3.94 1.03 7.68
C MET A 149 -5.42 1.35 7.70
N ILE A 150 -5.76 2.55 7.23
CA ILE A 150 -7.13 3.04 7.20
C ILE A 150 -8.00 2.19 6.25
N HIS A 151 -7.43 1.81 5.12
CA HIS A 151 -8.17 1.03 4.12
C HIS A 151 -8.13 -0.47 4.40
N ALA A 152 -7.21 -0.92 5.24
CA ALA A 152 -7.04 -2.35 5.53
C ALA A 152 -8.36 -3.04 5.86
N ARG A 153 -8.56 -4.23 5.31
CA ARG A 153 -9.77 -5.01 5.60
C ARG A 153 -9.49 -6.41 6.14
N THR A 154 -8.20 -6.74 6.24
CA THR A 154 -7.75 -8.01 6.83
C THR A 154 -6.89 -7.72 8.05
N GLU A 155 -6.84 -8.66 9.00
CA GLU A 155 -5.94 -8.57 10.14
C GLU A 155 -4.49 -8.45 9.70
N SER A 156 -4.08 -9.37 8.82
CA SER A 156 -2.71 -9.40 8.30
C SER A 156 -2.35 -8.15 7.51
N ALA A 157 -3.34 -7.53 6.87
CA ALA A 157 -3.13 -6.26 6.17
C ALA A 157 -2.95 -5.12 7.16
N TYR A 158 -3.74 -5.14 8.22
CA TYR A 158 -3.66 -4.19 9.32
C TYR A 158 -2.31 -4.26 10.02
N ARG A 159 -1.91 -5.47 10.41
CA ARG A 159 -0.65 -5.69 11.11
C ARG A 159 0.57 -5.31 10.27
N THR A 160 0.46 -5.47 8.96
CA THR A 160 1.52 -5.11 8.03
C THR A 160 1.72 -3.60 7.98
N ALA A 161 0.62 -2.85 7.97
CA ALA A 161 0.70 -1.39 7.96
C ALA A 161 1.26 -0.84 9.26
N VAL A 162 0.88 -1.46 10.38
CA VAL A 162 1.41 -1.08 11.68
C VAL A 162 2.93 -1.19 11.68
N SER A 163 3.44 -2.31 11.20
CA SER A 163 4.89 -2.51 11.07
C SER A 163 5.54 -1.41 10.23
N GLN A 164 4.92 -1.09 9.10
CA GLN A 164 5.47 -0.09 8.19
C GLN A 164 5.38 1.33 8.76
N MET A 165 4.36 1.56 9.58
CA MET A 165 4.17 2.85 10.24
C MET A 165 5.22 3.03 11.33
N LYS A 166 5.42 1.96 12.10
CA LYS A 166 6.50 1.86 13.09
C LYS A 166 7.87 2.05 12.42
N GLY A 167 7.98 1.73 11.14
CA GLY A 167 9.18 2.00 10.34
C GLY A 167 10.13 0.84 10.14
N ASP A 168 9.71 -0.37 10.54
CA ASP A 168 10.52 -1.58 10.45
C ASP A 168 11.27 -1.73 9.12
N LEU A 169 10.57 -1.51 8.01
CA LEU A 169 11.19 -1.60 6.69
C LEU A 169 12.23 -0.51 6.54
N SER A 170 11.86 0.71 6.97
CA SER A 170 12.72 1.88 6.89
C SER A 170 14.03 1.67 7.64
N VAL A 171 13.95 1.05 8.81
CA VAL A 171 15.15 0.65 9.56
C VAL A 171 16.03 -0.26 8.69
N ARG A 172 15.44 -1.33 8.14
CA ARG A 172 16.17 -2.27 7.28
C ARG A 172 16.77 -1.59 6.05
N LEU A 173 16.00 -0.70 5.43
CA LEU A 173 16.44 0.02 4.24
C LEU A 173 17.50 1.07 4.57
N GLY A 174 17.38 1.67 5.76
CA GLY A 174 18.41 2.55 6.30
C GLY A 174 19.71 1.80 6.54
N GLY A 175 19.57 0.53 6.94
CA GLY A 175 20.72 -0.36 7.12
C GLY A 175 21.35 -0.83 5.83
N LEU A 176 20.76 -0.43 4.70
CA LEU A 176 21.32 -0.69 3.37
C LEU A 176 21.93 0.58 2.80
N ARG A 177 21.30 1.71 3.09
CA ARG A 177 21.86 3.03 2.79
C ARG A 177 23.23 3.19 3.47
N GLU A 178 23.44 2.41 4.53
CA GLU A 178 24.67 2.37 5.29
C GLU A 178 25.89 2.12 4.39
N GLN A 179 25.94 0.94 3.78
CA GLN A 179 27.04 0.56 2.89
C GLN A 179 27.03 1.38 1.61
N LEU A 180 25.84 1.79 1.18
CA LEU A 180 25.69 2.63 -0.01
C LEU A 180 26.10 4.09 0.24
N ILE A 181 26.42 4.41 1.50
CA ILE A 181 27.13 5.65 1.81
C ILE A 181 28.61 5.30 2.03
N ARG A 182 28.84 4.19 2.73
CA ARG A 182 30.19 3.71 3.05
C ARG A 182 31.01 3.39 1.80
N SER A 183 30.53 2.46 0.99
CA SER A 183 31.25 1.99 -0.20
C SER A 183 31.18 2.96 -1.37
N CYS A 184 30.16 3.82 -1.37
CA CYS A 184 29.96 4.78 -2.45
C CYS A 184 30.90 5.98 -2.33
N ALA A 185 30.84 6.69 -1.20
CA ALA A 185 31.70 7.84 -0.95
C ALA A 185 33.18 7.46 -0.89
N LEU A 186 33.43 6.16 -0.70
CA LEU A 186 34.78 5.59 -0.72
C LEU A 186 35.40 5.69 -2.10
N ILE A 187 34.55 5.69 -3.13
CA ILE A 187 35.00 5.81 -4.52
C ILE A 187 34.56 7.17 -5.13
N GLU A 188 33.66 7.85 -4.43
CA GLU A 188 33.24 9.21 -4.82
C GLU A 188 34.32 10.26 -4.55
N LEU A 189 35.39 9.84 -3.88
CA LEU A 189 36.55 10.69 -3.62
C LEU A 189 37.73 10.36 -4.53
N GLU A 190 37.41 9.91 -5.74
CA GLU A 190 38.42 9.69 -6.79
C GLU A 190 38.46 10.89 -7.73
N LEU A 191 37.69 11.92 -7.38
CA LEU A 191 37.49 13.11 -8.23
C LEU A 191 38.76 13.90 -8.56
N ASP A 192 39.64 14.08 -7.57
CA ASP A 192 40.85 14.88 -7.73
C ASP A 192 42.09 14.20 -7.16
N PHE A 193 41.88 13.36 -6.16
CA PHE A 193 42.96 12.74 -5.40
C PHE A 193 43.37 11.38 -5.98
N SER A 194 43.45 11.31 -7.32
CA SER A 194 43.78 10.06 -8.00
C SER A 194 45.16 10.12 -8.66
N GLU A 195 46.18 9.74 -7.89
CA GLU A 195 47.55 9.62 -8.38
C GLU A 195 48.10 8.22 -8.09
N GLU A 196 47.89 7.77 -6.86
CA GLU A 196 48.23 6.40 -6.44
C GLU A 196 47.38 6.04 -5.20
N ASP A 197 46.07 6.14 -5.36
CA ASP A 197 45.12 5.94 -4.27
C ASP A 197 44.87 4.46 -3.96
N VAL A 198 45.05 4.11 -2.69
CA VAL A 198 44.85 2.73 -2.20
C VAL A 198 44.37 2.71 -0.74
N GLU A 199 43.89 1.55 -0.29
CA GLU A 199 43.65 1.27 1.12
C GLU A 199 44.21 -0.11 1.51
N PHE A 200 45.35 -0.46 0.91
CA PHE A 200 46.04 -1.76 1.09
C PHE A 200 45.14 -2.96 0.78
N GLN A 201 45.09 -3.33 -0.50
CA GLN A 201 44.18 -4.36 -1.03
C GLN A 201 42.72 -4.05 -0.67
N SER A 202 42.24 -2.92 -1.17
CA SER A 202 40.94 -2.35 -0.78
C SER A 202 39.76 -2.92 -1.57
N ARG A 203 39.98 -3.22 -2.84
CA ARG A 203 38.92 -3.72 -3.73
C ARG A 203 38.45 -5.13 -3.41
N ASP A 204 39.25 -5.86 -2.63
CA ASP A 204 38.94 -7.21 -2.20
C ASP A 204 37.76 -7.23 -1.22
N GLU A 205 37.71 -6.22 -0.34
CA GLU A 205 36.64 -6.07 0.64
C GLU A 205 35.40 -5.41 0.04
N LEU A 206 35.60 -4.63 -1.02
CA LEU A 206 34.51 -3.92 -1.70
C LEU A 206 33.53 -4.89 -2.37
N THR A 207 34.07 -5.95 -2.98
CA THR A 207 33.25 -7.00 -3.59
C THR A 207 32.46 -7.75 -2.52
N MET A 208 33.10 -8.01 -1.38
CA MET A 208 32.43 -8.63 -0.23
C MET A 208 31.36 -7.73 0.40
N GLN A 209 31.56 -6.42 0.31
CA GLN A 209 30.55 -5.44 0.73
C GLN A 209 29.32 -5.52 -0.17
N ILE A 210 29.54 -5.62 -1.47
CA ILE A 210 28.47 -5.68 -2.47
C ILE A 210 27.71 -7.02 -2.43
N GLU A 211 28.46 -8.12 -2.33
CA GLU A 211 27.86 -9.47 -2.31
C GLU A 211 26.91 -9.69 -1.15
N THR A 212 27.24 -9.11 0.01
CA THR A 212 26.38 -9.19 1.19
C THR A 212 25.28 -8.12 1.10
N LEU A 213 25.55 -7.07 0.35
CA LEU A 213 24.60 -5.95 0.15
C LEU A 213 23.51 -6.33 -0.84
N ARG A 214 23.90 -6.99 -1.94
CA ARG A 214 22.96 -7.39 -2.98
C ARG A 214 22.06 -8.54 -2.54
N SER A 215 22.62 -9.45 -1.74
CA SER A 215 21.86 -10.58 -1.20
C SER A 215 20.84 -10.13 -0.16
N GLU A 216 21.15 -9.02 0.52
CA GLU A 216 20.23 -8.39 1.46
C GLU A 216 19.03 -7.77 0.74
N VAL A 217 19.29 -7.21 -0.43
CA VAL A 217 18.24 -6.66 -1.29
C VAL A 217 17.40 -7.79 -1.89
N ASN A 218 18.05 -8.90 -2.23
CA ASN A 218 17.37 -10.07 -2.76
C ASN A 218 16.43 -10.74 -1.77
N ARG A 219 16.78 -10.73 -0.49
CA ARG A 219 15.90 -11.24 0.56
C ARG A 219 14.57 -10.46 0.53
N LEU A 220 14.67 -9.15 0.28
CA LEU A 220 13.51 -8.27 0.22
C LEU A 220 12.68 -8.47 -1.04
N ILE A 221 13.30 -8.38 -2.22
CA ILE A 221 12.59 -8.56 -3.49
C ILE A 221 11.78 -9.86 -3.50
N ASP A 222 12.20 -10.82 -2.69
CA ASP A 222 11.53 -12.11 -2.57
C ASP A 222 10.21 -12.02 -1.81
N SER A 223 10.18 -11.21 -0.75
CA SER A 223 9.00 -11.12 0.11
C SER A 223 7.76 -10.52 -0.58
N TYR A 224 7.98 -9.81 -1.68
CA TYR A 224 6.90 -9.15 -2.42
C TYR A 224 5.83 -10.15 -2.92
N GLN A 225 6.24 -11.40 -3.12
CA GLN A 225 5.32 -12.45 -3.53
C GLN A 225 4.26 -12.68 -2.46
N HIS A 226 4.68 -12.78 -1.21
CA HIS A 226 3.76 -12.87 -0.07
C HIS A 226 3.12 -11.53 0.23
N GLY A 227 3.93 -10.47 0.16
CA GLY A 227 3.53 -9.11 0.50
C GLY A 227 2.34 -8.58 -0.28
N ARG A 228 2.39 -8.72 -1.60
CA ARG A 228 1.30 -8.27 -2.48
C ARG A 228 -0.02 -8.94 -2.12
N ILE A 229 0.05 -10.22 -1.76
CA ILE A 229 -1.10 -10.99 -1.31
C ILE A 229 -1.68 -10.40 -0.03
N VAL A 230 -0.82 -10.12 0.95
CA VAL A 230 -1.25 -9.55 2.22
C VAL A 230 -1.84 -8.15 2.04
N SER A 231 -1.18 -7.34 1.23
CA SER A 231 -1.60 -5.97 0.94
C SER A 231 -2.87 -5.87 0.12
N GLU A 232 -2.81 -6.35 -1.13
CA GLU A 232 -3.94 -6.20 -2.05
C GLU A 232 -4.65 -7.53 -2.38
N GLY A 233 -4.35 -8.58 -1.62
CA GLY A 233 -5.07 -9.85 -1.75
C GLY A 233 -4.69 -10.68 -2.96
N VAL A 234 -5.12 -11.93 -2.93
CA VAL A 234 -4.90 -12.86 -4.03
C VAL A 234 -5.83 -12.50 -5.19
N SER A 235 -5.26 -11.98 -6.27
CA SER A 235 -6.03 -11.61 -7.45
C SER A 235 -6.45 -12.87 -8.19
N THR A 236 -7.76 -13.01 -8.40
CA THR A 236 -8.31 -14.22 -9.00
C THR A 236 -9.21 -13.88 -10.18
N VAL A 237 -8.98 -14.54 -11.31
CA VAL A 237 -9.82 -14.37 -12.50
C VAL A 237 -10.81 -15.54 -12.57
N ILE A 238 -12.06 -15.20 -12.89
CA ILE A 238 -13.08 -16.21 -13.15
C ILE A 238 -13.37 -16.22 -14.65
N ALA A 239 -12.89 -17.28 -15.31
CA ALA A 239 -13.01 -17.42 -16.76
C ALA A 239 -14.03 -18.48 -17.16
N GLY A 240 -14.35 -18.52 -18.44
CA GLY A 240 -15.35 -19.43 -18.97
C GLY A 240 -16.24 -18.72 -19.96
N LYS A 241 -16.81 -19.47 -20.90
CA LYS A 241 -17.68 -18.90 -21.93
C LYS A 241 -19.04 -18.52 -21.36
N PRO A 242 -19.79 -17.64 -22.06
CA PRO A 242 -21.12 -17.23 -21.60
C PRO A 242 -21.99 -18.40 -21.12
N ASN A 243 -22.78 -18.15 -20.08
CA ASN A 243 -23.72 -19.12 -19.49
C ASN A 243 -23.04 -20.23 -18.68
N ALA A 244 -21.74 -20.08 -18.40
CA ALA A 244 -21.00 -21.04 -17.59
C ALA A 244 -21.46 -21.05 -16.14
N GLY A 245 -21.86 -19.89 -15.63
CA GLY A 245 -22.26 -19.75 -14.23
C GLY A 245 -21.38 -18.76 -13.49
N LYS A 246 -20.65 -17.95 -14.24
CA LYS A 246 -19.69 -16.99 -13.69
C LYS A 246 -20.35 -16.03 -12.70
N SER A 247 -21.44 -15.40 -13.13
CA SER A 247 -22.19 -14.49 -12.28
C SER A 247 -22.72 -15.20 -11.02
N THR A 248 -23.28 -16.38 -11.22
CA THR A 248 -23.89 -17.17 -10.13
C THR A 248 -22.89 -17.57 -9.06
N LEU A 249 -21.66 -17.88 -9.47
CA LEU A 249 -20.60 -18.23 -8.52
C LEU A 249 -20.18 -16.98 -7.76
N LEU A 250 -19.95 -15.91 -8.51
CA LEU A 250 -19.43 -14.66 -7.98
C LEU A 250 -20.24 -14.19 -6.76
N ASN A 251 -21.55 -14.02 -6.94
CA ASN A 251 -22.40 -13.51 -5.87
C ASN A 251 -22.68 -14.51 -4.73
N THR A 252 -22.44 -15.79 -4.97
CA THR A 252 -22.59 -16.80 -3.92
C THR A 252 -21.35 -16.88 -3.05
N LEU A 253 -20.21 -16.48 -3.61
CA LEU A 253 -18.95 -16.43 -2.87
C LEU A 253 -18.83 -15.21 -1.95
N LEU A 254 -19.84 -14.32 -1.99
CA LEU A 254 -19.79 -13.08 -1.22
C LEU A 254 -20.86 -13.04 -0.13
N GLU A 273 -12.97 -6.43 -9.21
CA GLU A 273 -14.00 -5.46 -8.86
C GLU A 273 -14.58 -5.72 -7.47
N GLU A 274 -14.79 -6.99 -7.15
CA GLU A 274 -15.34 -7.40 -5.85
C GLU A 274 -14.42 -8.40 -5.17
N CYS A 275 -14.48 -8.45 -3.84
CA CYS A 275 -13.63 -9.36 -3.06
C CYS A 275 -14.26 -9.86 -1.76
N PHE A 276 -13.82 -11.06 -1.35
CA PHE A 276 -14.30 -11.70 -0.13
C PHE A 276 -13.13 -12.29 0.67
N ILE A 277 -13.38 -12.63 1.92
CA ILE A 277 -12.33 -13.14 2.81
C ILE A 277 -12.56 -14.60 3.15
N HIS A 278 -11.46 -15.36 3.23
CA HIS A 278 -11.48 -16.76 3.64
C HIS A 278 -10.09 -17.12 4.17
N ASP A 279 -10.06 -17.77 5.34
CA ASP A 279 -8.80 -18.15 6.01
C ASP A 279 -7.84 -16.97 6.19
N LYS A 280 -8.39 -15.84 6.68
CA LYS A 280 -7.63 -14.60 6.92
C LYS A 280 -6.93 -14.03 5.67
N THR A 281 -7.48 -14.38 4.50
CA THR A 281 -6.91 -13.96 3.22
C THR A 281 -7.99 -13.38 2.32
N MET A 282 -7.64 -12.31 1.59
CA MET A 282 -8.58 -11.63 0.71
C MET A 282 -8.41 -12.08 -0.74
N PHE A 283 -9.53 -12.25 -1.44
CA PHE A 283 -9.52 -12.66 -2.84
C PHE A 283 -10.20 -11.63 -3.73
N ARG A 284 -9.43 -10.97 -4.59
CA ARG A 284 -9.96 -10.01 -5.57
C ARG A 284 -10.51 -10.72 -6.80
N LEU A 285 -11.84 -10.88 -6.85
CA LEU A 285 -12.50 -11.51 -7.99
C LEU A 285 -12.74 -10.50 -9.09
N THR A 286 -12.47 -10.90 -10.33
CA THR A 286 -12.63 -10.04 -11.50
C THR A 286 -12.61 -10.84 -12.81
N ASP A 287 -12.69 -10.14 -13.94
CA ASP A 287 -12.58 -10.74 -15.27
C ASP A 287 -11.13 -10.89 -15.72
N MET A 308 -9.85 -8.11 -20.93
CA MET A 308 -9.51 -8.46 -19.55
C MET A 308 -8.07 -8.96 -19.40
N LYS A 309 -7.34 -8.32 -18.49
CA LYS A 309 -5.93 -8.65 -18.23
C LYS A 309 -5.78 -9.85 -17.29
N MET A 310 -5.29 -10.95 -17.84
CA MET A 310 -4.99 -12.15 -17.05
C MET A 310 -3.50 -12.29 -16.77
N ALA A 311 -2.69 -11.48 -17.47
CA ALA A 311 -1.29 -11.28 -17.10
C ALA A 311 -1.30 -10.63 -15.72
N GLU A 312 -0.61 -11.27 -14.78
CA GLU A 312 -0.68 -10.91 -13.35
C GLU A 312 -2.05 -11.28 -12.77
N ALA A 313 -2.17 -12.54 -12.36
CA ALA A 313 -3.35 -13.09 -11.72
C ALA A 313 -2.89 -14.33 -10.96
N ASP A 314 -3.10 -14.35 -9.65
CA ASP A 314 -2.57 -15.40 -8.81
C ASP A 314 -3.29 -16.74 -8.99
N LEU A 315 -4.60 -16.67 -9.18
CA LEU A 315 -5.45 -17.85 -9.26
C LEU A 315 -6.49 -17.70 -10.35
N ILE A 316 -6.51 -18.65 -11.28
CA ILE A 316 -7.53 -18.69 -12.32
C ILE A 316 -8.51 -19.80 -12.01
N LEU A 317 -9.80 -19.45 -11.97
CA LEU A 317 -10.86 -20.44 -11.88
C LEU A 317 -11.55 -20.50 -13.24
N TYR A 318 -11.39 -21.62 -13.93
CA TYR A 318 -12.13 -21.84 -15.17
C TYR A 318 -13.45 -22.56 -14.89
N LEU A 319 -14.54 -21.86 -15.16
CA LEU A 319 -15.88 -22.41 -15.00
C LEU A 319 -16.37 -23.00 -16.31
N LEU A 320 -16.85 -24.25 -16.24
CA LEU A 320 -17.49 -24.87 -17.38
C LEU A 320 -18.67 -25.70 -16.87
N ASP A 321 -19.82 -25.60 -17.53
CA ASP A 321 -21.01 -26.31 -17.04
C ASP A 321 -20.98 -27.83 -17.27
N LEU A 322 -20.65 -28.53 -16.19
CA LEU A 322 -20.51 -29.98 -16.15
C LEU A 322 -21.72 -30.68 -16.71
N GLY A 323 -21.48 -31.61 -17.62
CA GLY A 323 -22.55 -32.41 -18.24
C GLY A 323 -23.53 -31.60 -19.06
N THR A 324 -23.34 -30.29 -19.09
CA THR A 324 -24.24 -29.38 -19.77
C THR A 324 -23.64 -28.86 -21.08
N GLU A 325 -22.31 -28.85 -21.15
CA GLU A 325 -21.62 -28.34 -22.33
C GLU A 325 -21.77 -29.27 -23.51
N ARG A 326 -22.35 -28.74 -24.58
CA ARG A 326 -22.48 -29.47 -25.83
C ARG A 326 -21.09 -29.65 -26.46
N LEU A 327 -20.43 -28.54 -26.77
CA LEU A 327 -19.07 -28.58 -27.32
C LEU A 327 -18.05 -28.69 -26.19
N ASP A 328 -17.85 -29.93 -25.72
CA ASP A 328 -17.02 -30.20 -24.54
C ASP A 328 -15.51 -30.13 -24.81
N ASP A 329 -15.12 -30.00 -26.08
CA ASP A 329 -13.70 -29.81 -26.40
C ASP A 329 -13.30 -28.34 -26.34
N GLU A 330 -13.98 -27.59 -25.48
CA GLU A 330 -13.48 -26.31 -25.01
C GLU A 330 -12.56 -26.54 -23.82
N LEU A 331 -12.30 -27.82 -23.51
CA LEU A 331 -11.24 -28.19 -22.57
C LEU A 331 -9.87 -28.05 -23.24
N THR A 332 -9.89 -27.78 -24.54
CA THR A 332 -8.72 -27.37 -25.29
C THR A 332 -8.42 -25.92 -24.93
N GLU A 333 -9.48 -25.14 -24.75
CA GLU A 333 -9.40 -23.76 -24.32
C GLU A 333 -8.80 -23.65 -22.92
N ILE A 334 -9.21 -24.54 -22.02
CA ILE A 334 -8.69 -24.51 -20.65
C ILE A 334 -7.23 -24.97 -20.60
N ARG A 335 -6.85 -25.83 -21.55
CA ARG A 335 -5.46 -26.28 -21.66
C ARG A 335 -4.54 -25.13 -22.07
N GLU A 336 -5.06 -24.19 -22.86
CA GLU A 336 -4.24 -23.10 -23.37
C GLU A 336 -4.33 -21.81 -22.58
N LEU A 337 -5.28 -21.75 -21.65
CA LEU A 337 -5.25 -20.73 -20.60
C LEU A 337 -4.14 -21.08 -19.62
N LYS A 338 -4.18 -22.29 -19.09
CA LYS A 338 -3.14 -22.82 -18.21
C LYS A 338 -1.75 -22.67 -18.82
N ALA A 339 -1.64 -22.90 -20.12
CA ALA A 339 -0.35 -22.82 -20.81
C ALA A 339 0.12 -21.38 -20.98
N ALA A 340 -0.83 -20.46 -21.12
CA ALA A 340 -0.54 -19.05 -21.33
C ALA A 340 -0.23 -18.31 -20.03
N HIS A 341 -0.57 -18.91 -18.90
CA HIS A 341 -0.32 -18.32 -17.59
C HIS A 341 0.25 -19.34 -16.61
N PRO A 342 1.49 -19.82 -16.85
CA PRO A 342 2.10 -20.88 -16.03
C PRO A 342 2.38 -20.45 -14.60
N ALA A 343 2.54 -19.14 -14.39
CA ALA A 343 2.80 -18.58 -13.07
C ALA A 343 1.58 -18.69 -12.16
N ALA A 344 0.39 -18.56 -12.75
CA ALA A 344 -0.87 -18.62 -12.01
C ALA A 344 -1.17 -20.01 -11.47
N LYS A 345 -2.09 -20.08 -10.51
CA LYS A 345 -2.63 -21.36 -10.09
C LYS A 345 -3.91 -21.61 -10.86
N PHE A 346 -3.97 -22.76 -11.52
CA PHE A 346 -5.14 -23.12 -12.30
C PHE A 346 -6.05 -24.06 -11.53
N LEU A 347 -7.35 -23.89 -11.74
CA LEU A 347 -8.36 -24.64 -11.01
C LEU A 347 -9.61 -24.73 -11.87
N THR A 348 -9.94 -25.95 -12.31
CA THR A 348 -11.10 -26.16 -13.19
C THR A 348 -12.35 -26.40 -12.35
N VAL A 349 -13.33 -25.54 -12.55
CA VAL A 349 -14.55 -25.57 -11.77
C VAL A 349 -15.72 -26.02 -12.63
N ALA A 350 -16.10 -27.28 -12.46
CA ALA A 350 -17.20 -27.86 -13.20
C ALA A 350 -18.53 -27.50 -12.54
N ASN A 351 -19.28 -26.63 -13.20
CA ASN A 351 -20.52 -26.09 -12.64
C ASN A 351 -21.77 -26.89 -13.03
N LYS A 352 -22.88 -26.64 -12.34
CA LYS A 352 -24.17 -27.28 -12.61
C LYS A 352 -24.16 -28.77 -12.24
N LEU A 353 -23.55 -29.08 -11.10
CA LEU A 353 -23.47 -30.44 -10.58
C LEU A 353 -24.81 -30.93 -10.01
N ASP A 354 -25.71 -29.99 -9.70
CA ASP A 354 -27.00 -30.32 -9.11
C ASP A 354 -27.89 -31.18 -10.01
N ARG A 355 -27.72 -31.05 -11.32
CA ARG A 355 -28.35 -31.95 -12.29
C ARG A 355 -27.34 -32.98 -12.81
N ALA A 356 -27.84 -34.06 -13.39
CA ALA A 356 -27.01 -35.19 -13.84
C ALA A 356 -26.14 -35.75 -12.71
N ALA A 357 -26.77 -36.55 -11.84
CA ALA A 357 -26.08 -37.21 -10.74
C ALA A 357 -25.38 -38.48 -11.22
N ASN A 358 -24.22 -38.28 -11.86
CA ASN A 358 -23.47 -39.35 -12.51
C ASN A 358 -22.05 -38.90 -12.85
N ALA A 359 -21.84 -37.59 -12.77
CA ALA A 359 -20.69 -36.92 -13.39
C ALA A 359 -19.32 -37.14 -12.73
N ASP A 360 -19.16 -38.24 -11.97
CA ASP A 360 -17.87 -38.61 -11.43
C ASP A 360 -16.89 -38.95 -12.57
N ALA A 361 -17.38 -39.73 -13.53
CA ALA A 361 -16.62 -40.09 -14.72
C ALA A 361 -16.40 -38.88 -15.62
N LEU A 362 -17.38 -37.98 -15.65
CA LEU A 362 -17.27 -36.75 -16.44
C LEU A 362 -16.21 -35.83 -15.85
N ILE A 363 -16.23 -35.67 -14.53
CA ILE A 363 -15.22 -34.90 -13.81
C ILE A 363 -13.83 -35.39 -14.16
N ARG A 364 -13.62 -36.70 -14.06
CA ARG A 364 -12.32 -37.31 -14.35
C ARG A 364 -11.91 -37.13 -15.80
N ALA A 365 -12.88 -37.08 -16.70
CA ALA A 365 -12.60 -36.86 -18.12
C ALA A 365 -12.11 -35.43 -18.39
N ILE A 366 -12.72 -34.46 -17.72
CA ILE A 366 -12.29 -33.07 -17.81
C ILE A 366 -10.90 -32.94 -17.21
N ALA A 367 -10.67 -33.68 -16.13
CA ALA A 367 -9.39 -33.70 -15.43
C ALA A 367 -8.29 -34.25 -16.34
N ASP A 368 -8.52 -35.45 -16.86
CA ASP A 368 -7.55 -36.15 -17.69
C ASP A 368 -7.29 -35.44 -19.01
N GLY A 369 -8.32 -34.84 -19.58
CA GLY A 369 -8.20 -34.17 -20.86
C GLY A 369 -7.47 -32.84 -20.82
N THR A 370 -7.25 -32.32 -19.62
CA THR A 370 -6.67 -30.98 -19.45
C THR A 370 -5.44 -30.98 -18.55
N GLY A 371 -5.32 -32.01 -17.73
CA GLY A 371 -4.21 -32.13 -16.79
C GLY A 371 -4.30 -31.13 -15.65
N THR A 372 -5.48 -30.53 -15.49
CA THR A 372 -5.74 -29.60 -14.41
C THR A 372 -6.48 -30.33 -13.29
N GLU A 373 -6.67 -29.66 -12.16
CA GLU A 373 -7.50 -30.19 -11.09
C GLU A 373 -8.95 -29.69 -11.23
N VAL A 374 -9.88 -30.63 -11.11
CA VAL A 374 -11.30 -30.34 -11.32
C VAL A 374 -12.09 -30.44 -10.02
N ILE A 375 -13.02 -29.51 -9.83
CA ILE A 375 -13.94 -29.53 -8.69
C ILE A 375 -15.39 -29.39 -9.13
N GLY A 376 -16.22 -30.29 -8.63
CA GLY A 376 -17.66 -30.25 -8.87
C GLY A 376 -18.33 -29.15 -8.07
N ILE A 377 -19.11 -28.33 -8.77
CA ILE A 377 -19.75 -27.16 -8.17
C ILE A 377 -21.19 -26.99 -8.64
N SER A 378 -22.05 -26.70 -7.68
CA SER A 378 -23.38 -26.17 -7.96
C SER A 378 -23.41 -24.74 -7.46
N ALA A 379 -23.18 -23.80 -8.36
CA ALA A 379 -23.13 -22.37 -8.02
C ALA A 379 -24.49 -21.81 -7.57
N LEU A 380 -25.56 -22.47 -8.00
CA LEU A 380 -26.91 -22.07 -7.64
C LEU A 380 -27.27 -22.57 -6.25
N ASN A 381 -27.11 -23.87 -6.02
CA ASN A 381 -27.43 -24.51 -4.75
C ASN A 381 -26.36 -24.23 -3.68
N GLY A 382 -25.10 -24.20 -4.10
CA GLY A 382 -23.98 -24.00 -3.20
C GLY A 382 -23.46 -25.32 -2.66
N ASP A 383 -23.02 -26.19 -3.57
CA ASP A 383 -22.58 -27.53 -3.19
C ASP A 383 -21.13 -27.76 -3.62
N GLY A 384 -20.31 -28.16 -2.66
CA GLY A 384 -18.88 -28.34 -2.89
C GLY A 384 -18.11 -27.02 -2.87
N ILE A 385 -18.81 -25.95 -2.52
CA ILE A 385 -18.21 -24.61 -2.42
C ILE A 385 -17.19 -24.57 -1.29
N ASP A 386 -17.50 -25.24 -0.18
CA ASP A 386 -16.56 -25.41 0.91
C ASP A 386 -15.27 -26.08 0.44
N THR A 387 -15.41 -27.02 -0.49
CA THR A 387 -14.26 -27.70 -1.09
C THR A 387 -13.52 -26.79 -2.06
N LEU A 388 -14.27 -25.96 -2.79
CA LEU A 388 -13.67 -24.97 -3.69
C LEU A 388 -12.90 -23.91 -2.90
N LYS A 389 -13.51 -23.41 -1.84
CA LYS A 389 -12.86 -22.42 -0.98
C LYS A 389 -11.57 -22.94 -0.36
N GLN A 390 -11.57 -24.19 0.08
CA GLN A 390 -10.40 -24.81 0.69
C GLN A 390 -9.25 -24.94 -0.30
N HIS A 391 -9.58 -25.23 -1.55
CA HIS A 391 -8.61 -25.31 -2.64
C HIS A 391 -8.04 -23.93 -2.97
N MET A 392 -8.83 -22.89 -2.74
CA MET A 392 -8.38 -21.52 -2.96
C MET A 392 -7.41 -21.08 -1.88
N GLY A 393 -7.71 -21.43 -0.63
CA GLY A 393 -6.84 -21.12 0.50
C GLY A 393 -5.50 -21.84 0.45
N ASP A 394 -5.38 -22.79 -0.47
CA ASP A 394 -4.14 -23.54 -0.68
C ASP A 394 -3.02 -22.67 -1.25
N LEU A 395 -3.39 -21.66 -2.04
CA LEU A 395 -2.41 -20.81 -2.73
C LEU A 395 -1.42 -20.14 -1.79
N VAL A 396 -1.93 -19.51 -0.73
CA VAL A 396 -1.07 -18.83 0.25
C VAL A 396 -0.23 -19.81 1.07
N LYS A 397 -0.82 -20.95 1.38
CA LYS A 397 -0.18 -21.97 2.21
C LYS A 397 1.09 -22.49 1.55
N ASN A 398 1.02 -22.72 0.24
CA ASN A 398 2.15 -23.20 -0.55
C ASN A 398 2.88 -22.06 -1.24
N LEU A 399 3.90 -21.51 -0.57
CA LEU A 399 4.74 -20.46 -1.17
C LEU A 399 6.19 -20.52 -0.66
N ASP A 400 6.48 -19.87 0.47
CA ASP A 400 7.84 -19.79 1.01
C ASP A 400 7.85 -19.29 2.46
N LYS A 401 7.85 -17.97 2.61
CA LYS A 401 7.85 -17.27 3.92
C LYS A 401 9.06 -17.53 4.82
N LEU A 402 9.99 -16.56 4.85
CA LEU A 402 11.17 -16.59 5.73
C LEU A 402 10.77 -16.49 7.21
N HIS A 403 11.76 -16.62 8.10
CA HIS A 403 11.55 -16.42 9.53
C HIS A 403 10.89 -15.06 9.77
N GLU A 404 9.84 -15.05 10.59
CA GLU A 404 8.90 -13.91 10.68
C GLU A 404 9.54 -12.54 10.99
N ALA A 405 10.80 -12.56 11.40
CA ALA A 405 11.59 -11.34 11.62
C ALA A 405 11.71 -10.51 10.34
N SER A 406 11.94 -11.18 9.21
CA SER A 406 12.00 -10.53 7.90
C SER A 406 10.67 -9.88 7.55
N VAL A 407 10.69 -8.56 7.43
CA VAL A 407 9.50 -7.77 7.12
C VAL A 407 9.10 -7.89 5.65
N LEU A 408 7.80 -7.94 5.39
CA LEU A 408 7.30 -8.11 4.03
C LEU A 408 7.30 -6.80 3.28
N VAL A 409 7.98 -6.76 2.14
CA VAL A 409 7.85 -5.62 1.24
C VAL A 409 6.56 -5.77 0.45
N THR A 410 5.79 -4.69 0.38
CA THR A 410 4.60 -4.64 -0.46
C THR A 410 4.78 -3.54 -1.50
N SER A 411 3.76 -3.34 -2.34
CA SER A 411 3.75 -2.23 -3.30
C SER A 411 4.75 -2.38 -4.44
N LEU A 412 4.21 -2.56 -5.64
CA LEU A 412 4.98 -2.63 -6.87
C LEU A 412 6.14 -1.61 -6.91
N ARG A 413 5.83 -0.36 -6.55
CA ARG A 413 6.82 0.73 -6.62
C ARG A 413 8.13 0.36 -5.95
N HIS A 414 8.07 -0.12 -4.71
CA HIS A 414 9.25 -0.51 -3.95
C HIS A 414 9.97 -1.68 -4.62
N TYR A 415 9.19 -2.71 -4.99
CA TYR A 415 9.71 -3.90 -5.66
C TYR A 415 10.57 -3.50 -6.86
N GLU A 416 9.97 -2.77 -7.80
CA GLU A 416 10.65 -2.37 -9.03
C GLU A 416 11.93 -1.60 -8.75
N ALA A 417 11.88 -0.75 -7.72
CA ALA A 417 13.05 0.01 -7.30
C ALA A 417 14.13 -0.88 -6.69
N LEU A 418 13.73 -1.85 -5.88
CA LEU A 418 14.67 -2.83 -5.29
C LEU A 418 15.32 -3.68 -6.38
N ARG A 419 14.54 -4.00 -7.41
CA ARG A 419 15.07 -4.66 -8.59
C ARG A 419 16.09 -3.76 -9.28
N ASN A 420 15.67 -2.54 -9.60
CA ASN A 420 16.54 -1.54 -10.21
C ASN A 420 17.84 -1.31 -9.43
N ALA A 421 17.75 -1.41 -8.12
CA ALA A 421 18.91 -1.30 -7.25
C ALA A 421 19.84 -2.50 -7.39
N SER A 422 19.28 -3.71 -7.30
CA SER A 422 20.06 -4.95 -7.39
C SER A 422 20.62 -5.21 -8.79
N ASP A 423 20.00 -4.61 -9.80
CA ASP A 423 20.51 -4.64 -11.17
C ASP A 423 21.73 -3.73 -11.31
N ALA A 424 21.63 -2.53 -10.75
CA ALA A 424 22.76 -1.60 -10.69
C ALA A 424 23.88 -2.17 -9.83
N LEU A 425 23.51 -2.89 -8.77
CA LEU A 425 24.43 -3.59 -7.89
C LEU A 425 25.17 -4.73 -8.60
N GLN A 426 24.44 -5.47 -9.44
CA GLN A 426 25.05 -6.54 -10.24
C GLN A 426 25.92 -5.97 -11.35
N ASN A 427 25.50 -4.84 -11.92
CA ASN A 427 26.29 -4.11 -12.90
C ASN A 427 27.66 -3.75 -12.34
N ALA A 428 27.68 -3.38 -11.06
CA ALA A 428 28.93 -3.13 -10.35
C ALA A 428 29.65 -4.44 -10.02
N LEU A 429 28.87 -5.48 -9.71
CA LEU A 429 29.41 -6.77 -9.29
C LEU A 429 29.98 -7.60 -10.45
N GLU A 430 29.15 -7.83 -11.47
CA GLU A 430 29.50 -8.73 -12.56
C GLU A 430 30.03 -8.01 -13.81
N LEU A 431 29.31 -6.98 -14.26
CA LEU A 431 29.69 -6.23 -15.47
C LEU A 431 31.03 -5.51 -15.30
N ILE A 432 31.17 -4.79 -14.19
CA ILE A 432 32.33 -3.94 -13.97
C ILE A 432 33.52 -4.62 -13.27
N ALA A 433 33.25 -5.33 -12.17
CA ALA A 433 34.31 -5.87 -11.33
C ALA A 433 35.11 -7.03 -11.94
N HIS A 434 36.02 -6.69 -12.85
CA HIS A 434 37.00 -7.63 -13.41
C HIS A 434 38.20 -6.91 -14.05
N GLU A 435 37.90 -5.99 -14.96
CA GLU A 435 38.90 -5.30 -15.79
C GLU A 435 38.43 -3.90 -16.21
N SER A 436 37.16 -3.59 -15.94
CA SER A 436 36.54 -2.34 -16.38
C SER A 436 37.05 -1.10 -15.62
N GLU A 437 36.67 0.08 -16.11
CA GLU A 437 37.18 1.36 -15.63
C GLU A 437 36.80 1.70 -14.18
N THR A 438 37.37 2.80 -13.67
CA THR A 438 37.16 3.21 -12.29
C THR A 438 36.18 4.40 -12.11
N GLU A 439 35.72 4.95 -13.23
CA GLU A 439 34.79 6.08 -13.22
C GLU A 439 33.33 5.66 -13.45
N LEU A 440 33.15 4.61 -14.26
CA LEU A 440 31.81 4.08 -14.57
C LEU A 440 31.26 3.19 -13.45
N ILE A 441 32.14 2.73 -12.57
CA ILE A 441 31.76 1.93 -11.40
C ILE A 441 31.05 2.80 -10.35
N ALA A 442 31.50 4.04 -10.21
CA ALA A 442 30.91 5.01 -9.28
C ALA A 442 29.53 5.46 -9.75
N PHE A 443 29.25 5.26 -11.03
CA PHE A 443 27.93 5.58 -11.61
C PHE A 443 26.88 4.58 -11.14
N GLU A 444 27.24 3.30 -11.12
CA GLU A 444 26.33 2.22 -10.73
C GLU A 444 26.00 2.24 -9.24
N LEU A 445 26.99 2.56 -8.42
CA LEU A 445 26.81 2.61 -6.96
C LEU A 445 25.89 3.75 -6.56
N ARG A 446 26.05 4.90 -7.21
CA ARG A 446 25.16 6.05 -6.99
C ARG A 446 23.76 5.80 -7.53
N ALA A 447 23.66 4.93 -8.52
CA ALA A 447 22.37 4.53 -9.08
C ALA A 447 21.59 3.67 -8.09
N ALA A 448 22.29 2.79 -7.38
CA ALA A 448 21.66 1.92 -6.38
C ALA A 448 21.18 2.70 -5.16
N LEU A 449 22.03 3.57 -4.64
CA LEU A 449 21.68 4.46 -3.52
C LEU A 449 20.52 5.39 -3.91
N ASP A 450 20.49 5.77 -5.18
CA ASP A 450 19.41 6.59 -5.73
C ASP A 450 18.10 5.81 -5.73
N TYR A 451 18.17 4.52 -6.05
CA TYR A 451 16.98 3.66 -6.13
C TYR A 451 16.44 3.27 -4.77
N VAL A 452 17.33 2.88 -3.85
CA VAL A 452 16.94 2.54 -2.49
C VAL A 452 16.33 3.76 -1.79
N GLY A 453 16.90 4.93 -2.07
CA GLY A 453 16.43 6.19 -1.49
C GLY A 453 15.09 6.67 -2.01
N GLN A 454 14.77 6.31 -3.25
CA GLN A 454 13.49 6.71 -3.86
C GLN A 454 12.28 6.11 -3.17
N ILE A 455 12.45 4.92 -2.61
CA ILE A 455 11.35 4.22 -1.96
C ILE A 455 11.00 4.86 -0.62
N THR A 456 11.96 5.53 0.01
CA THR A 456 11.75 6.20 1.29
C THR A 456 11.49 7.70 1.11
N GLY A 457 11.62 8.18 -0.12
CA GLY A 457 11.34 9.57 -0.44
C GLY A 457 12.53 10.51 -0.41
N LYS A 458 13.74 9.97 -0.30
CA LYS A 458 14.97 10.76 -0.35
C LYS A 458 15.03 11.56 -1.65
N VAL A 459 14.64 10.92 -2.74
CA VAL A 459 14.47 11.59 -4.02
C VAL A 459 12.96 11.73 -4.29
N VAL A 460 12.46 12.95 -4.07
CA VAL A 460 11.05 13.29 -4.30
C VAL A 460 10.77 13.45 -5.80
N ASN A 461 9.75 12.74 -6.28
CA ASN A 461 9.38 12.80 -7.71
C ASN A 461 8.17 13.68 -8.02
N GLU A 462 7.43 14.08 -6.98
CA GLU A 462 6.24 14.93 -7.11
C GLU A 462 5.27 14.48 -8.20
N GLU A 463 5.35 13.18 -8.54
CA GLU A 463 4.40 12.54 -9.44
C GLU A 463 4.26 11.12 -8.94
N VAL A 464 5.34 10.64 -8.35
CA VAL A 464 5.31 9.47 -7.47
C VAL A 464 4.44 9.82 -6.27
N LEU A 465 4.64 11.03 -5.73
CA LEU A 465 3.86 11.53 -4.60
C LEU A 465 2.38 11.65 -4.93
N ASN A 466 2.10 12.18 -6.12
CA ASN A 466 0.73 12.41 -6.56
C ASN A 466 -0.08 11.13 -6.69
N THR A 467 0.50 10.09 -7.30
CA THR A 467 -0.17 8.81 -7.42
C THR A 467 -0.39 8.16 -6.05
N ILE A 468 0.49 8.46 -5.10
CA ILE A 468 0.33 7.94 -3.73
C ILE A 468 -0.78 8.67 -2.96
N PHE A 469 -0.75 10.00 -2.99
CA PHE A 469 -1.67 10.77 -2.16
C PHE A 469 -3.05 11.03 -2.75
N ASP A 470 -3.17 11.01 -4.09
CA ASP A 470 -4.48 11.07 -4.74
C ASP A 470 -5.32 9.86 -4.32
N LYS A 471 -4.63 8.78 -3.96
CA LYS A 471 -5.23 7.55 -3.45
C LYS A 471 -5.82 7.75 -2.05
N PHE A 472 -5.31 8.73 -1.32
CA PHE A 472 -5.82 9.10 0.00
C PHE A 472 -7.12 9.87 -0.15
N CYS A 473 -7.85 10.02 0.94
CA CYS A 473 -9.09 10.80 0.93
C CYS A 473 -8.90 12.14 1.63
N ILE A 474 -9.73 13.12 1.23
CA ILE A 474 -9.72 14.46 1.82
C ILE A 474 -9.95 14.38 3.33
N GLY A 475 -8.97 14.89 4.09
CA GLY A 475 -8.99 14.80 5.55
C GLY A 475 -7.69 14.24 6.11
N LYS A 476 -6.98 13.47 5.29
CA LYS A 476 -5.73 12.85 5.68
C LYS A 476 -4.55 13.36 4.87
#